data_7LVU
#
_entry.id   7LVU
#
_cell.length_a   73.600
_cell.length_b   73.600
_cell.length_c   221.979
_cell.angle_alpha   90.000
_cell.angle_beta   90.000
_cell.angle_gamma   90.000
#
_symmetry.space_group_name_H-M   'P 43 2 2'
#
loop_
_entity.id
_entity.type
_entity.pdbx_description
1 polymer F-VHH-Cl184
2 water water
#
_entity_poly.entity_id   1
_entity_poly.type   'polypeptide(L)'
_entity_poly.pdbx_seq_one_letter_code
;MRPTWAWWLFLVLLLALWAPARGQVQLQESGGGLVQAGGSLRLSCAASGQTFSGYVTGWFRQAPGKEREFVALIAWSGGR
LYYADSVQGRFTISRDNAETTVYLQMNSLKPEDTAVYYCAAKRGGAVTAAEWYDYWGQGTQVTVSSHHHHHH
;
_entity_poly.pdbx_strand_id   A,B,C,D
#
# COMPACT_ATOMS: atom_id res chain seq x y z
N VAL A 25 -29.68 -7.89 15.12
CA VAL A 25 -30.18 -6.63 14.47
C VAL A 25 -31.03 -6.96 13.24
N GLN A 26 -32.12 -6.21 13.05
CA GLN A 26 -32.92 -6.35 11.81
C GLN A 26 -32.64 -5.11 10.97
N LEU A 27 -32.29 -5.29 9.70
CA LEU A 27 -31.85 -4.14 8.87
C LEU A 27 -32.88 -3.78 7.79
N GLN A 28 -33.13 -2.48 7.61
CA GLN A 28 -34.02 -2.02 6.52
C GLN A 28 -33.40 -0.85 5.74
N GLU A 29 -33.20 -1.04 4.45
CA GLU A 29 -32.68 0.05 3.62
C GLU A 29 -33.81 0.92 3.07
N SER A 30 -33.46 2.16 2.73
CA SER A 30 -34.38 3.05 2.02
C SER A 30 -33.56 4.09 1.27
N GLY A 31 -34.23 4.86 0.41
CA GLY A 31 -33.58 5.93 -0.31
C GLY A 31 -33.19 5.61 -1.74
N GLY A 32 -33.39 4.37 -2.17
CA GLY A 32 -33.08 4.02 -3.55
C GLY A 32 -34.03 4.69 -4.51
N GLY A 33 -33.67 4.62 -5.79
CA GLY A 33 -34.59 5.08 -6.81
C GLY A 33 -33.95 4.97 -8.19
N LEU A 34 -34.51 5.72 -9.13
CA LEU A 34 -34.05 5.75 -10.51
C LEU A 34 -33.68 7.19 -10.82
N VAL A 35 -32.44 7.41 -11.27
CA VAL A 35 -31.96 8.76 -11.51
C VAL A 35 -31.17 8.80 -12.80
N GLN A 36 -31.06 10.01 -13.35
CA GLN A 36 -30.21 10.25 -14.51
C GLN A 36 -28.75 10.32 -14.09
N ALA A 37 -27.87 9.90 -15.00
CA ALA A 37 -26.44 9.93 -14.75
C ALA A 37 -26.01 11.34 -14.34
N GLY A 38 -25.06 11.40 -13.41
CA GLY A 38 -24.64 12.66 -12.84
C GLY A 38 -25.39 13.08 -11.59
N GLY A 39 -26.55 12.47 -11.34
CA GLY A 39 -27.34 12.81 -10.18
C GLY A 39 -26.82 12.19 -8.90
N SER A 40 -27.61 12.35 -7.84
CA SER A 40 -27.27 11.83 -6.53
C SER A 40 -28.44 11.06 -5.93
N LEU A 41 -28.11 10.19 -4.99
CA LEU A 41 -29.07 9.55 -4.10
C LEU A 41 -28.45 9.51 -2.71
N ARG A 42 -29.30 9.35 -1.70
CA ARG A 42 -28.84 9.10 -0.32
C ARG A 42 -29.54 7.87 0.21
N LEU A 43 -28.78 6.79 0.40
CA LEU A 43 -29.34 5.59 0.98
C LEU A 43 -29.24 5.67 2.50
N SER A 44 -30.18 5.01 3.17
CA SER A 44 -30.11 4.88 4.61
C SER A 44 -30.41 3.45 4.98
N CYS A 45 -29.83 3.04 6.10
CA CYS A 45 -30.02 1.72 6.67
C CYS A 45 -30.36 1.89 8.14
N ALA A 46 -31.50 1.35 8.53
CA ALA A 46 -31.97 1.53 9.91
C ALA A 46 -31.83 0.21 10.64
N ALA A 47 -31.53 0.27 11.91
CA ALA A 47 -31.32 -0.94 12.70
C ALA A 47 -32.53 -1.09 13.59
N SER A 48 -33.07 -2.29 13.66
CA SER A 48 -34.18 -2.53 14.59
C SER A 48 -33.73 -3.59 15.61
N GLY A 49 -34.27 -3.53 16.83
CA GLY A 49 -33.84 -4.41 17.90
C GLY A 49 -32.68 -3.84 18.69
N GLN A 50 -31.62 -3.45 17.99
CA GLN A 50 -30.39 -2.97 18.61
C GLN A 50 -29.91 -1.73 17.87
N THR A 51 -29.01 -0.99 18.51
CA THR A 51 -28.29 0.06 17.82
C THR A 51 -27.12 -0.53 17.04
N PHE A 52 -26.50 0.30 16.20
CA PHE A 52 -25.37 -0.18 15.43
C PHE A 52 -24.08 -0.20 16.23
N SER A 53 -24.07 0.34 17.44
CA SER A 53 -22.87 0.30 18.26
C SER A 53 -22.45 -1.15 18.47
N GLY A 54 -21.17 -1.43 18.29
CA GLY A 54 -20.69 -2.78 18.40
C GLY A 54 -20.81 -3.59 17.12
N TYR A 55 -21.24 -2.98 16.03
CA TYR A 55 -21.36 -3.66 14.75
C TYR A 55 -20.58 -2.92 13.69
N VAL A 56 -19.99 -3.69 12.78
CA VAL A 56 -19.58 -3.16 11.48
C VAL A 56 -20.80 -3.10 10.59
N THR A 57 -21.03 -1.95 9.93
CA THR A 57 -22.11 -1.80 8.96
C THR A 57 -21.51 -1.56 7.59
N GLY A 58 -21.85 -2.42 6.63
CA GLY A 58 -21.31 -2.34 5.28
C GLY A 58 -22.41 -2.20 4.25
N TRP A 59 -22.06 -1.60 3.13
CA TRP A 59 -22.92 -1.55 1.96
C TRP A 59 -22.33 -2.44 0.88
N PHE A 60 -23.16 -3.28 0.30
CA PHE A 60 -22.81 -4.12 -0.82
C PHE A 60 -23.79 -3.84 -1.97
N ARG A 61 -23.38 -4.16 -3.19
CA ARG A 61 -24.28 -3.95 -4.31
C ARG A 61 -24.16 -5.12 -5.26
N GLN A 62 -25.28 -5.43 -5.92
CA GLN A 62 -25.33 -6.53 -6.86
C GLN A 62 -25.92 -5.99 -8.16
N ALA A 63 -25.07 -5.88 -9.18
CA ALA A 63 -25.52 -5.54 -10.51
C ALA A 63 -26.14 -6.77 -11.16
N PRO A 64 -27.05 -6.58 -12.13
CA PRO A 64 -27.74 -7.75 -12.73
C PRO A 64 -26.77 -8.73 -13.36
N GLY A 65 -26.93 -10.01 -13.01
CA GLY A 65 -26.08 -11.06 -13.51
C GLY A 65 -24.73 -11.20 -12.83
N LYS A 66 -24.37 -10.29 -11.93
CA LYS A 66 -23.08 -10.31 -11.26
C LYS A 66 -23.25 -10.74 -9.80
N GLU A 67 -22.13 -11.00 -9.15
CA GLU A 67 -22.16 -11.32 -7.73
C GLU A 67 -22.14 -10.04 -6.89
N ARG A 68 -22.54 -10.19 -5.63
CA ARG A 68 -22.50 -9.09 -4.67
C ARG A 68 -21.07 -8.60 -4.49
N GLU A 69 -20.89 -7.28 -4.48
CA GLU A 69 -19.56 -6.69 -4.34
C GLU A 69 -19.57 -5.59 -3.27
N PHE A 70 -18.42 -5.44 -2.60
CA PHE A 70 -18.30 -4.50 -1.52
C PHE A 70 -18.35 -3.07 -2.03
N VAL A 71 -19.02 -2.19 -1.28
CA VAL A 71 -19.09 -0.78 -1.63
C VAL A 71 -18.40 0.08 -0.58
N ALA A 72 -18.84 -0.01 0.67
CA ALA A 72 -18.27 0.81 1.73
C ALA A 72 -18.64 0.21 3.07
N LEU A 73 -17.88 0.55 4.10
CA LEU A 73 -18.26 0.17 5.44
C LEU A 73 -17.84 1.23 6.43
N ILE A 74 -18.51 1.21 7.58
CA ILE A 74 -18.14 2.05 8.69
C ILE A 74 -18.05 1.16 9.91
N ALA A 75 -16.95 1.29 10.65
CA ALA A 75 -16.72 0.48 11.82
C ALA A 75 -16.15 1.35 12.92
N TRP A 76 -16.12 0.76 14.10
CA TRP A 76 -15.58 1.34 15.32
C TRP A 76 -16.30 2.65 15.63
N SER A 77 -17.60 2.70 15.35
CA SER A 77 -18.43 3.90 15.53
C SER A 77 -17.90 5.10 14.74
N GLY A 78 -17.34 4.87 13.56
CA GLY A 78 -16.78 5.93 12.76
C GLY A 78 -15.26 5.98 12.79
N GLY A 79 -14.61 5.14 13.58
CA GLY A 79 -13.15 5.14 13.62
C GLY A 79 -12.50 4.58 12.39
N ARG A 80 -13.22 3.78 11.60
CA ARG A 80 -12.69 3.11 10.41
C ARG A 80 -13.71 3.24 9.31
N LEU A 81 -13.32 3.84 8.18
CA LEU A 81 -14.18 3.98 7.01
C LEU A 81 -13.48 3.36 5.82
N TYR A 82 -14.17 2.46 5.11
CA TYR A 82 -13.62 1.78 3.95
C TYR A 82 -14.47 2.13 2.73
N TYR A 83 -13.80 2.32 1.60
CA TYR A 83 -14.49 2.55 0.33
C TYR A 83 -13.89 1.66 -0.76
N ALA A 84 -14.75 1.11 -1.61
CA ALA A 84 -14.25 0.43 -2.80
C ALA A 84 -13.63 1.43 -3.77
N ASP A 85 -12.64 0.97 -4.53
CA ASP A 85 -11.95 1.83 -5.49
C ASP A 85 -12.94 2.59 -6.37
N SER A 86 -13.97 1.89 -6.87
CA SER A 86 -14.84 2.45 -7.88
C SER A 86 -15.73 3.58 -7.36
N VAL A 87 -15.89 3.70 -6.04
CA VAL A 87 -16.79 4.69 -5.47
C VAL A 87 -16.07 5.74 -4.62
N GLN A 88 -14.77 5.58 -4.37
CA GLN A 88 -14.04 6.53 -3.56
C GLN A 88 -14.18 7.94 -4.12
N GLY A 89 -14.43 8.90 -3.23
CA GLY A 89 -14.55 10.29 -3.60
C GLY A 89 -15.90 10.67 -4.14
N ARG A 90 -16.71 9.70 -4.57
CA ARG A 90 -18.09 9.95 -4.97
C ARG A 90 -19.09 9.57 -3.90
N PHE A 91 -18.83 8.52 -3.13
CA PHE A 91 -19.72 8.04 -2.09
C PHE A 91 -19.16 8.38 -0.72
N THR A 92 -20.06 8.66 0.23
CA THR A 92 -19.69 8.94 1.61
C THR A 92 -20.59 8.12 2.53
N ILE A 93 -19.99 7.33 3.42
CA ILE A 93 -20.73 6.59 4.42
C ILE A 93 -20.64 7.34 5.74
N SER A 94 -21.71 7.28 6.53
CA SER A 94 -21.72 7.96 7.82
C SER A 94 -22.78 7.34 8.71
N ARG A 95 -22.78 7.77 9.97
CA ARG A 95 -23.72 7.33 10.98
C ARG A 95 -24.32 8.55 11.65
N ASP A 96 -25.55 8.41 12.17
CA ASP A 96 -26.07 9.49 12.99
C ASP A 96 -25.56 9.33 14.42
N ASN A 97 -25.81 10.37 15.23
CA ASN A 97 -25.28 10.40 16.60
C ASN A 97 -25.79 9.22 17.42
N ALA A 98 -27.08 8.87 17.26
CA ALA A 98 -27.63 7.77 18.03
C ALA A 98 -27.14 6.41 17.54
N GLU A 99 -26.42 6.38 16.42
CA GLU A 99 -25.93 5.14 15.81
C GLU A 99 -27.07 4.18 15.51
N THR A 100 -28.21 4.73 15.11
CA THR A 100 -29.34 3.92 14.68
C THR A 100 -29.56 3.95 13.18
N THR A 101 -28.85 4.81 12.46
CA THR A 101 -28.95 4.88 11.01
C THR A 101 -27.56 5.01 10.42
N VAL A 102 -27.31 4.27 9.33
CA VAL A 102 -26.10 4.41 8.53
C VAL A 102 -26.51 4.95 7.17
N TYR A 103 -25.80 5.98 6.71
CA TYR A 103 -26.12 6.65 5.46
C TYR A 103 -25.07 6.36 4.41
N LEU A 104 -25.50 6.30 3.15
CA LEU A 104 -24.60 6.24 2.02
C LEU A 104 -25.00 7.35 1.06
N GLN A 105 -24.23 8.42 1.05
CA GLN A 105 -24.42 9.49 0.10
C GLN A 105 -23.72 9.13 -1.20
N MET A 106 -24.44 9.18 -2.30
CA MET A 106 -23.91 8.77 -3.60
C MET A 106 -24.02 9.94 -4.56
N ASN A 107 -22.88 10.52 -4.92
CA ASN A 107 -22.85 11.63 -5.85
C ASN A 107 -22.23 11.19 -7.16
N SER A 108 -22.42 12.02 -8.20
CA SER A 108 -21.82 11.82 -9.51
C SER A 108 -22.08 10.39 -10.00
N LEU A 109 -23.35 9.98 -9.90
CA LEU A 109 -23.72 8.61 -10.20
C LEU A 109 -23.49 8.31 -11.69
N LYS A 110 -23.06 7.09 -11.96
CA LYS A 110 -22.81 6.58 -13.30
C LYS A 110 -23.66 5.35 -13.56
N PRO A 111 -23.98 5.03 -14.82
CA PRO A 111 -24.80 3.83 -15.12
C PRO A 111 -24.23 2.54 -14.51
N GLU A 112 -22.90 2.42 -14.42
CA GLU A 112 -22.15 1.36 -13.75
C GLU A 112 -22.50 1.18 -12.28
N ASP A 113 -23.05 2.21 -11.64
CA ASP A 113 -23.47 2.09 -10.25
C ASP A 113 -24.81 1.39 -10.08
N THR A 114 -25.47 1.07 -11.19
CA THR A 114 -26.78 0.45 -11.17
C THR A 114 -26.70 -0.93 -10.52
N ALA A 115 -27.52 -1.16 -9.50
CA ALA A 115 -27.46 -2.40 -8.73
C ALA A 115 -28.54 -2.35 -7.66
N VAL A 116 -28.79 -3.50 -7.06
CA VAL A 116 -29.46 -3.54 -5.77
C VAL A 116 -28.41 -3.31 -4.70
N TYR A 117 -28.66 -2.37 -3.80
CA TYR A 117 -27.73 -2.06 -2.72
C TYR A 117 -28.24 -2.65 -1.42
N TYR A 118 -27.38 -3.37 -0.72
CA TYR A 118 -27.74 -4.06 0.50
C TYR A 118 -26.94 -3.49 1.67
N CYS A 119 -27.63 -3.28 2.78
CA CYS A 119 -27.00 -3.01 4.05
C CYS A 119 -26.71 -4.33 4.75
N ALA A 120 -25.55 -4.41 5.41
CA ALA A 120 -25.14 -5.63 6.09
C ALA A 120 -24.44 -5.27 7.40
N ALA A 121 -24.54 -6.16 8.39
CA ALA A 121 -23.97 -5.90 9.70
C ALA A 121 -23.33 -7.15 10.27
N LYS A 122 -22.29 -6.95 11.08
CA LYS A 122 -21.60 -8.06 11.72
C LYS A 122 -20.89 -7.57 12.98
N ARG A 123 -20.77 -8.47 13.95
CA ARG A 123 -19.81 -8.21 15.02
C ARG A 123 -18.40 -8.42 14.49
N GLY A 124 -17.43 -7.88 15.19
CA GLY A 124 -16.04 -8.19 14.89
C GLY A 124 -15.35 -7.32 13.85
N GLY A 125 -14.45 -7.93 13.09
CA GLY A 125 -13.54 -7.17 12.28
C GLY A 125 -14.20 -6.60 11.03
N ALA A 126 -13.65 -5.47 10.58
CA ALA A 126 -14.14 -4.80 9.37
C ALA A 126 -13.53 -5.49 8.16
N VAL A 127 -14.32 -6.32 7.48
CA VAL A 127 -13.86 -7.04 6.31
C VAL A 127 -14.79 -6.74 5.15
N THR A 128 -14.29 -7.00 3.95
CA THR A 128 -14.99 -6.62 2.74
C THR A 128 -15.64 -7.80 2.03
N ALA A 129 -15.57 -9.00 2.60
CA ALA A 129 -16.19 -10.19 2.01
C ALA A 129 -17.60 -10.36 2.54
N ALA A 130 -18.59 -10.42 1.64
CA ALA A 130 -19.98 -10.53 2.06
C ALA A 130 -20.23 -11.78 2.88
N GLU A 131 -19.42 -12.83 2.66
CA GLU A 131 -19.60 -14.12 3.32
C GLU A 131 -19.59 -14.02 4.84
N TRP A 132 -18.94 -12.99 5.38
CA TRP A 132 -18.71 -12.88 6.82
C TRP A 132 -19.75 -12.03 7.53
N TYR A 133 -20.70 -11.47 6.81
CA TYR A 133 -21.72 -10.64 7.41
C TYR A 133 -22.93 -11.49 7.77
N ASP A 134 -23.37 -11.36 9.01
CA ASP A 134 -24.46 -12.20 9.50
C ASP A 134 -25.84 -11.62 9.23
N TYR A 135 -25.99 -10.30 9.21
CA TYR A 135 -27.30 -9.68 9.01
C TYR A 135 -27.33 -8.92 7.71
N TRP A 136 -28.45 -9.03 6.99
CA TRP A 136 -28.63 -8.39 5.71
C TRP A 136 -30.01 -7.77 5.62
N GLY A 137 -30.08 -6.56 5.07
CA GLY A 137 -31.36 -6.02 4.68
C GLY A 137 -31.85 -6.64 3.39
N GLN A 138 -33.08 -6.32 3.01
CA GLN A 138 -33.64 -6.88 1.79
C GLN A 138 -33.16 -6.13 0.55
N GLY A 139 -32.56 -4.96 0.70
CA GLY A 139 -31.97 -4.25 -0.41
C GLY A 139 -32.86 -3.15 -0.96
N THR A 140 -32.23 -2.12 -1.51
CA THR A 140 -32.95 -1.04 -2.16
C THR A 140 -32.36 -0.87 -3.56
N GLN A 141 -33.24 -0.72 -4.55
CA GLN A 141 -32.78 -0.66 -5.94
C GLN A 141 -32.24 0.72 -6.30
N VAL A 142 -31.11 0.75 -6.97
CA VAL A 142 -30.50 1.98 -7.44
C VAL A 142 -30.28 1.84 -8.94
N THR A 143 -30.91 2.70 -9.72
CA THR A 143 -30.84 2.68 -11.18
C THR A 143 -30.34 4.02 -11.68
N VAL A 144 -29.30 4.00 -12.51
CA VAL A 144 -28.73 5.21 -13.09
C VAL A 144 -28.82 5.09 -14.61
N SER A 145 -29.62 5.94 -15.24
CA SER A 145 -29.79 5.90 -16.68
C SER A 145 -28.83 6.88 -17.34
N SER A 146 -28.47 6.59 -18.59
CA SER A 146 -27.54 7.47 -19.28
C SER A 146 -28.27 8.33 -20.31
N GLN B 24 -10.10 2.39 -9.82
CA GLN B 24 -10.06 1.02 -10.31
C GLN B 24 -9.19 0.92 -11.56
N VAL B 25 -8.18 0.07 -11.52
CA VAL B 25 -7.27 -0.13 -12.66
C VAL B 25 -7.83 -1.16 -13.63
N GLN B 26 -7.65 -0.88 -14.91
CA GLN B 26 -7.97 -1.76 -16.02
C GLN B 26 -6.64 -2.29 -16.56
N LEU B 27 -6.52 -3.61 -16.67
CA LEU B 27 -5.25 -4.22 -17.01
C LEU B 27 -5.34 -4.88 -18.37
N GLN B 28 -4.21 -4.87 -19.09
CA GLN B 28 -4.14 -5.55 -20.38
C GLN B 28 -2.72 -6.06 -20.58
N GLU B 29 -2.59 -7.37 -20.78
CA GLU B 29 -1.31 -8.01 -20.99
C GLU B 29 -0.96 -8.01 -22.47
N SER B 30 0.34 -8.01 -22.75
CA SER B 30 0.81 -8.24 -24.10
C SER B 30 2.22 -8.81 -24.02
N GLY B 31 2.72 -9.28 -25.16
CA GLY B 31 4.07 -9.81 -25.26
C GLY B 31 4.16 -11.32 -25.33
N GLY B 32 3.04 -12.03 -25.24
CA GLY B 32 3.08 -13.48 -25.32
C GLY B 32 3.44 -13.98 -26.69
N GLY B 33 3.57 -15.30 -26.80
CA GLY B 33 3.81 -15.93 -28.08
C GLY B 33 4.34 -17.34 -27.91
N LEU B 34 4.83 -17.87 -29.03
CA LEU B 34 5.38 -19.22 -29.13
C LEU B 34 6.87 -19.12 -29.35
N VAL B 35 7.66 -19.77 -28.50
CA VAL B 35 9.11 -19.61 -28.52
C VAL B 35 9.78 -20.94 -28.18
N GLN B 36 10.97 -21.16 -28.73
CA GLN B 36 11.72 -22.38 -28.44
C GLN B 36 12.17 -22.42 -26.99
N ALA B 37 12.32 -23.63 -26.46
CA ALA B 37 12.90 -23.80 -25.13
C ALA B 37 14.26 -23.13 -25.07
N GLY B 38 14.57 -22.52 -23.93
CA GLY B 38 15.79 -21.76 -23.75
C GLY B 38 15.70 -20.32 -24.19
N GLY B 39 14.68 -19.96 -24.98
CA GLY B 39 14.51 -18.60 -25.43
C GLY B 39 13.99 -17.68 -24.34
N SER B 40 13.72 -16.45 -24.73
CA SER B 40 13.22 -15.42 -23.82
C SER B 40 11.96 -14.81 -24.36
N LEU B 41 11.19 -14.19 -23.46
CA LEU B 41 10.09 -13.30 -23.82
C LEU B 41 10.06 -12.16 -22.82
N ARG B 42 9.27 -11.14 -23.13
CA ARG B 42 9.03 -10.04 -22.19
C ARG B 42 7.56 -9.67 -22.26
N LEU B 43 6.82 -9.98 -21.19
CA LEU B 43 5.42 -9.60 -21.11
C LEU B 43 5.33 -8.20 -20.52
N SER B 44 4.29 -7.48 -20.92
CA SER B 44 4.00 -6.17 -20.36
C SER B 44 2.55 -6.15 -19.93
N CYS B 45 2.27 -5.43 -18.86
CA CYS B 45 0.92 -5.25 -18.37
C CYS B 45 0.65 -3.76 -18.28
N ALA B 46 -0.23 -3.27 -19.15
CA ALA B 46 -0.54 -1.84 -19.20
C ALA B 46 -1.74 -1.55 -18.30
N ALA B 47 -1.63 -0.50 -17.50
CA ALA B 47 -2.74 0.01 -16.72
C ALA B 47 -3.42 1.14 -17.48
N SER B 48 -4.74 1.18 -17.42
CA SER B 48 -5.51 2.30 -17.91
C SER B 48 -6.53 2.68 -16.83
N GLY B 49 -7.10 3.86 -16.99
CA GLY B 49 -7.93 4.42 -15.93
C GLY B 49 -7.12 5.03 -14.82
N GLN B 50 -6.14 4.29 -14.30
CA GLN B 50 -5.24 4.75 -13.25
C GLN B 50 -3.85 4.20 -13.50
N THR B 51 -2.86 4.77 -12.81
CA THR B 51 -1.53 4.19 -12.80
C THR B 51 -1.47 3.08 -11.78
N PHE B 52 -0.36 2.34 -11.76
CA PHE B 52 -0.19 1.27 -10.80
C PHE B 52 0.19 1.77 -9.41
N SER B 53 0.42 3.08 -9.25
CA SER B 53 0.80 3.63 -7.96
C SER B 53 -0.28 3.32 -6.93
N GLY B 54 0.12 2.76 -5.80
CA GLY B 54 -0.83 2.35 -4.78
C GLY B 54 -1.40 0.96 -4.94
N TYR B 55 -0.91 0.18 -5.90
CA TYR B 55 -1.39 -1.17 -6.16
C TYR B 55 -0.25 -2.16 -6.07
N VAL B 56 -0.55 -3.35 -5.57
CA VAL B 56 0.31 -4.50 -5.78
C VAL B 56 0.00 -5.05 -7.18
N THR B 57 1.04 -5.30 -7.96
CA THR B 57 0.87 -5.89 -9.28
C THR B 57 1.54 -7.27 -9.29
N GLY B 58 0.77 -8.29 -9.63
CA GLY B 58 1.25 -9.65 -9.66
C GLY B 58 1.09 -10.29 -11.02
N TRP B 59 1.97 -11.22 -11.33
CA TRP B 59 1.84 -12.07 -12.50
C TRP B 59 1.48 -13.48 -12.04
N PHE B 60 0.44 -14.04 -12.65
CA PHE B 60 0.02 -15.41 -12.42
C PHE B 60 -0.02 -16.14 -13.76
N ARG B 61 -0.01 -17.47 -13.70
CA ARG B 61 -0.08 -18.25 -14.93
C ARG B 61 -0.98 -19.46 -14.70
N GLN B 62 -1.62 -19.90 -15.77
CA GLN B 62 -2.59 -20.99 -15.70
C GLN B 62 -2.51 -21.82 -16.97
N ALA B 63 -2.13 -23.08 -16.81
CA ALA B 63 -2.15 -24.10 -17.84
C ALA B 63 -3.53 -24.75 -17.90
N PRO B 64 -3.87 -25.39 -19.02
CA PRO B 64 -5.20 -25.99 -19.14
C PRO B 64 -5.42 -27.05 -18.07
N GLY B 65 -6.57 -27.00 -17.41
CA GLY B 65 -6.90 -27.95 -16.37
C GLY B 65 -6.38 -27.61 -15.01
N LYS B 66 -5.49 -26.62 -14.89
CA LYS B 66 -4.82 -26.29 -13.65
C LYS B 66 -5.48 -25.04 -13.06
N GLU B 67 -4.90 -24.54 -11.98
CA GLU B 67 -5.33 -23.27 -11.47
C GLU B 67 -4.19 -22.27 -11.56
N ARG B 68 -4.51 -21.03 -11.20
CA ARG B 68 -3.58 -19.93 -11.41
C ARG B 68 -2.52 -19.96 -10.33
N GLU B 69 -1.27 -20.14 -10.74
CA GLU B 69 -0.19 -20.17 -9.77
C GLU B 69 0.56 -18.85 -9.79
N PHE B 70 1.00 -18.44 -8.62
CA PHE B 70 1.77 -17.22 -8.49
C PHE B 70 3.07 -17.33 -9.26
N VAL B 71 3.48 -16.23 -9.91
CA VAL B 71 4.77 -16.16 -10.58
C VAL B 71 5.65 -15.10 -9.93
N ALA B 72 5.16 -13.85 -9.88
CA ALA B 72 5.95 -12.75 -9.34
C ALA B 72 5.03 -11.59 -9.02
N LEU B 73 5.47 -10.72 -8.12
CA LEU B 73 4.75 -9.48 -7.85
C LEU B 73 5.71 -8.35 -7.56
N ILE B 74 5.23 -7.13 -7.78
CA ILE B 74 5.94 -5.93 -7.39
C ILE B 74 4.98 -5.08 -6.58
N ALA B 75 5.46 -4.58 -5.44
CA ALA B 75 4.64 -3.82 -4.51
C ALA B 75 5.43 -2.62 -4.01
N TRP B 76 4.70 -1.68 -3.41
CA TRP B 76 5.29 -0.46 -2.86
C TRP B 76 6.13 0.27 -3.90
N SER B 77 5.62 0.31 -5.12
CA SER B 77 6.29 0.97 -6.26
C SER B 77 7.69 0.43 -6.49
N GLY B 78 7.93 -0.84 -6.14
CA GLY B 78 9.25 -1.43 -6.24
C GLY B 78 9.98 -1.67 -4.93
N GLY B 79 9.38 -1.32 -3.78
CA GLY B 79 10.02 -1.61 -2.51
C GLY B 79 10.00 -3.08 -2.12
N ARG B 80 9.12 -3.88 -2.74
CA ARG B 80 9.00 -5.30 -2.43
C ARG B 80 8.79 -6.06 -3.73
N LEU B 81 9.65 -7.04 -3.98
CA LEU B 81 9.55 -7.89 -5.16
C LEU B 81 9.57 -9.33 -4.70
N TYR B 82 8.55 -10.10 -5.12
CA TYR B 82 8.44 -11.52 -4.78
C TYR B 82 8.55 -12.35 -6.04
N TYR B 83 9.22 -13.49 -5.94
CA TYR B 83 9.34 -14.42 -7.08
C TYR B 83 9.02 -15.83 -6.58
N ALA B 84 8.27 -16.58 -7.36
CA ALA B 84 8.00 -17.99 -7.02
C ALA B 84 9.30 -18.77 -7.19
N ASP B 85 9.42 -19.88 -6.47
CA ASP B 85 10.64 -20.72 -6.52
C ASP B 85 10.85 -21.20 -7.95
N SER B 86 9.78 -21.46 -8.68
CA SER B 86 9.86 -21.95 -10.07
C SER B 86 10.57 -20.95 -10.99
N VAL B 87 10.51 -19.66 -10.68
CA VAL B 87 10.99 -18.63 -11.64
C VAL B 87 12.17 -17.80 -11.11
N GLN B 88 12.58 -18.02 -9.88
CA GLN B 88 13.66 -17.17 -9.33
C GLN B 88 14.91 -17.32 -10.20
N GLY B 89 15.50 -16.20 -10.61
CA GLY B 89 16.77 -16.22 -11.35
C GLY B 89 16.58 -16.27 -12.85
N ARG B 90 15.38 -16.63 -13.31
CA ARG B 90 15.09 -16.64 -14.76
C ARG B 90 14.16 -15.46 -15.11
N PHE B 91 13.23 -15.11 -14.22
CA PHE B 91 12.27 -14.05 -14.52
C PHE B 91 12.62 -12.80 -13.70
N THR B 92 12.31 -11.64 -14.27
CA THR B 92 12.51 -10.36 -13.60
C THR B 92 11.27 -9.50 -13.79
N ILE B 93 10.68 -9.02 -12.69
CA ILE B 93 9.53 -8.13 -12.72
C ILE B 93 10.03 -6.71 -12.51
N SER B 94 9.40 -5.76 -13.20
CA SER B 94 9.82 -4.37 -13.08
C SER B 94 8.66 -3.47 -13.48
N ARG B 95 8.84 -2.18 -13.25
CA ARG B 95 7.88 -1.16 -13.65
C ARG B 95 8.60 -0.09 -14.45
N ASP B 96 7.84 0.71 -15.19
CA ASP B 96 8.45 1.88 -15.78
C ASP B 96 8.34 3.06 -14.83
N ASN B 97 8.98 4.17 -15.20
CA ASN B 97 9.05 5.31 -14.30
C ASN B 97 7.67 5.89 -14.01
N ALA B 98 6.78 5.88 -15.01
CA ALA B 98 5.46 6.46 -14.83
C ALA B 98 4.51 5.53 -14.06
N GLU B 99 4.94 4.31 -13.77
CA GLU B 99 4.10 3.30 -13.12
C GLU B 99 2.84 3.05 -13.93
N THR B 100 2.98 3.09 -15.25
CA THR B 100 1.89 2.76 -16.16
C THR B 100 2.06 1.40 -16.81
N THR B 101 3.20 0.75 -16.64
CA THR B 101 3.46 -0.57 -17.20
C THR B 101 4.26 -1.39 -16.21
N VAL B 102 3.91 -2.68 -16.11
CA VAL B 102 4.68 -3.64 -15.33
C VAL B 102 5.16 -4.72 -16.29
N TYR B 103 6.45 -5.06 -16.21
CA TYR B 103 7.05 -6.00 -17.14
C TYR B 103 7.40 -7.30 -16.43
N LEU B 104 7.38 -8.39 -17.20
CA LEU B 104 7.94 -9.65 -16.75
C LEU B 104 8.91 -10.13 -17.84
N GLN B 105 10.21 -10.00 -17.57
CA GLN B 105 11.22 -10.56 -18.45
C GLN B 105 11.41 -12.03 -18.11
N MET B 106 11.34 -12.88 -19.13
CA MET B 106 11.36 -14.32 -18.93
C MET B 106 12.51 -14.90 -19.72
N ASN B 107 13.56 -15.35 -19.04
CA ASN B 107 14.71 -15.96 -19.69
C ASN B 107 14.70 -17.47 -19.44
N SER B 108 15.49 -18.18 -20.25
CA SER B 108 15.67 -19.63 -20.11
C SER B 108 14.33 -20.34 -20.00
N LEU B 109 13.45 -20.05 -20.96
CA LEU B 109 12.11 -20.61 -20.93
C LEU B 109 12.13 -22.11 -21.18
N LYS B 110 11.35 -22.84 -20.40
CA LYS B 110 11.19 -24.28 -20.52
C LYS B 110 9.74 -24.62 -20.83
N PRO B 111 9.48 -25.75 -21.48
CA PRO B 111 8.09 -26.18 -21.70
C PRO B 111 7.22 -26.15 -20.43
N GLU B 112 7.80 -26.35 -19.25
CA GLU B 112 7.04 -26.15 -18.01
C GLU B 112 6.37 -24.79 -17.97
N ASP B 113 6.94 -23.80 -18.63
CA ASP B 113 6.44 -22.43 -18.50
C ASP B 113 5.24 -22.14 -19.38
N THR B 114 4.84 -23.09 -20.23
CA THR B 114 3.68 -22.91 -21.10
C THR B 114 2.43 -22.71 -20.24
N ALA B 115 1.74 -21.60 -20.47
CA ALA B 115 0.53 -21.26 -19.73
C ALA B 115 -0.02 -19.98 -20.30
N VAL B 116 -1.25 -19.64 -19.91
CA VAL B 116 -1.78 -18.31 -20.09
C VAL B 116 -1.30 -17.48 -18.90
N TYR B 117 -0.64 -16.37 -19.19
CA TYR B 117 -0.08 -15.48 -18.17
C TYR B 117 -0.99 -14.29 -17.94
N TYR B 118 -1.31 -14.03 -16.68
CA TYR B 118 -2.26 -13.01 -16.29
C TYR B 118 -1.58 -11.94 -15.45
N CYS B 119 -1.96 -10.70 -15.69
CA CYS B 119 -1.59 -9.58 -14.85
C CYS B 119 -2.74 -9.29 -13.89
N ALA B 120 -2.40 -9.03 -12.63
CA ALA B 120 -3.42 -8.81 -11.60
C ALA B 120 -2.97 -7.71 -10.66
N ALA B 121 -3.94 -7.01 -10.08
CA ALA B 121 -3.67 -5.88 -9.22
C ALA B 121 -4.58 -5.90 -8.00
N LYS B 122 -4.06 -5.40 -6.88
CA LYS B 122 -4.84 -5.27 -5.67
C LYS B 122 -4.23 -4.18 -4.80
N ARG B 123 -5.06 -3.61 -3.94
CA ARG B 123 -4.58 -2.72 -2.91
C ARG B 123 -4.23 -3.54 -1.66
N GLY B 124 -3.49 -2.92 -0.75
CA GLY B 124 -3.13 -3.59 0.48
C GLY B 124 -1.95 -4.53 0.41
N GLY B 125 -2.02 -5.65 1.11
CA GLY B 125 -0.84 -6.48 1.30
C GLY B 125 -0.43 -7.23 0.05
N ALA B 126 0.88 -7.42 -0.09
CA ALA B 126 1.45 -8.22 -1.16
C ALA B 126 1.33 -9.68 -0.78
N VAL B 127 0.30 -10.35 -1.30
CA VAL B 127 0.09 -11.77 -1.05
C VAL B 127 0.20 -12.51 -2.36
N THR B 128 0.47 -13.82 -2.27
CA THR B 128 0.74 -14.62 -3.46
C THR B 128 -0.45 -15.45 -3.91
N ALA B 129 -1.61 -15.32 -3.26
CA ALA B 129 -2.78 -16.12 -3.61
C ALA B 129 -3.67 -15.33 -4.57
N ALA B 130 -3.96 -15.94 -5.73
CA ALA B 130 -4.70 -15.24 -6.78
C ALA B 130 -6.07 -14.78 -6.33
N GLU B 131 -6.66 -15.49 -5.37
CA GLU B 131 -8.03 -15.20 -4.95
C GLU B 131 -8.17 -13.85 -4.26
N TRP B 132 -7.09 -13.27 -3.75
CA TRP B 132 -7.16 -11.98 -3.09
C TRP B 132 -7.01 -10.80 -4.04
N TYR B 133 -6.75 -11.05 -5.32
CA TYR B 133 -6.52 -9.99 -6.29
C TYR B 133 -7.85 -9.60 -6.94
N ASP B 134 -8.11 -8.30 -6.98
CA ASP B 134 -9.41 -7.78 -7.39
C ASP B 134 -9.51 -7.50 -8.88
N TYR B 135 -8.41 -7.14 -9.52
CA TYR B 135 -8.41 -6.71 -10.92
C TYR B 135 -7.54 -7.63 -11.73
N TRP B 136 -8.05 -8.09 -12.87
CA TRP B 136 -7.37 -9.05 -13.71
C TRP B 136 -7.35 -8.57 -15.15
N GLY B 137 -6.24 -8.84 -15.84
CA GLY B 137 -6.20 -8.70 -17.28
C GLY B 137 -6.84 -9.89 -17.95
N GLN B 138 -6.86 -9.86 -19.29
CA GLN B 138 -7.48 -10.91 -20.07
C GLN B 138 -6.54 -12.10 -20.29
N GLY B 139 -5.26 -11.92 -20.08
CA GLY B 139 -4.30 -13.00 -20.25
C GLY B 139 -3.61 -12.95 -21.60
N THR B 140 -2.38 -13.47 -21.64
CA THR B 140 -1.62 -13.59 -22.87
C THR B 140 -0.99 -14.97 -22.89
N GLN B 141 -1.08 -15.65 -24.04
CA GLN B 141 -0.61 -17.03 -24.15
C GLN B 141 0.90 -17.09 -24.33
N VAL B 142 1.55 -17.93 -23.54
CA VAL B 142 2.97 -18.25 -23.69
C VAL B 142 3.09 -19.75 -23.92
N THR B 143 3.69 -20.13 -25.05
CA THR B 143 3.88 -21.54 -25.38
C THR B 143 5.36 -21.76 -25.67
N VAL B 144 5.98 -22.67 -24.91
CA VAL B 144 7.39 -22.99 -25.04
C VAL B 144 7.49 -24.41 -25.56
N SER B 145 8.03 -24.56 -26.76
CA SER B 145 8.12 -25.85 -27.45
C SER B 145 9.54 -26.39 -27.37
N SER B 146 9.65 -27.71 -27.50
CA SER B 146 10.96 -28.36 -27.51
C SER B 146 11.17 -29.13 -28.80
N VAL C 25 9.25 11.22 0.14
CA VAL C 25 8.31 12.25 -0.17
C VAL C 25 8.90 13.28 0.76
N GLN C 26 8.77 14.59 0.57
CA GLN C 26 9.21 15.57 1.57
C GLN C 26 7.97 16.37 1.98
N LEU C 27 7.74 16.46 3.29
CA LEU C 27 6.46 16.85 3.82
C LEU C 27 6.52 18.20 4.55
N GLN C 28 5.46 18.99 4.41
CA GLN C 28 5.36 20.28 5.08
C GLN C 28 3.92 20.50 5.54
N GLU C 29 3.74 20.71 6.84
CA GLU C 29 2.42 20.99 7.39
C GLU C 29 2.15 22.49 7.44
N SER C 30 0.86 22.82 7.41
CA SER C 30 0.44 24.21 7.50
C SER C 30 -0.96 24.28 8.10
N GLY C 31 -1.35 25.49 8.52
CA GLY C 31 -2.70 25.73 8.96
C GLY C 31 -2.90 25.77 10.47
N GLY C 32 -1.86 25.52 11.26
CA GLY C 32 -2.00 25.57 12.69
C GLY C 32 -2.23 26.99 13.20
N GLY C 33 -2.45 27.09 14.50
CA GLY C 33 -2.57 28.40 15.11
C GLY C 33 -3.15 28.31 16.50
N LEU C 34 -3.54 29.48 17.02
CA LEU C 34 -4.12 29.63 18.34
C LEU C 34 -5.61 29.93 18.17
N VAL C 35 -6.46 29.09 18.74
CA VAL C 35 -7.89 29.21 18.51
C VAL C 35 -8.64 29.01 19.82
N GLN C 36 -9.75 29.72 19.94
CA GLN C 36 -10.65 29.59 21.08
C GLN C 36 -11.30 28.21 21.09
N ALA C 37 -11.52 27.69 22.30
CA ALA C 37 -12.15 26.39 22.45
C ALA C 37 -13.51 26.38 21.76
N GLY C 38 -13.82 25.24 21.13
CA GLY C 38 -15.02 25.10 20.32
C GLY C 38 -14.85 25.55 18.88
N GLY C 39 -13.79 26.27 18.57
CA GLY C 39 -13.54 26.72 17.21
C GLY C 39 -13.02 25.60 16.33
N SER C 40 -12.59 25.98 15.13
CA SER C 40 -12.12 25.03 14.14
C SER C 40 -10.81 25.49 13.54
N LEU C 41 -10.08 24.53 12.97
CA LEU C 41 -8.92 24.77 12.15
C LEU C 41 -8.93 23.77 11.01
N ARG C 42 -8.10 24.01 10.00
CA ARG C 42 -7.90 23.01 8.95
C ARG C 42 -6.42 22.93 8.63
N LEU C 43 -5.79 21.83 9.03
CA LEU C 43 -4.40 21.64 8.70
C LEU C 43 -4.26 21.10 7.29
N SER C 44 -3.11 21.37 6.69
CA SER C 44 -2.81 20.81 5.38
C SER C 44 -1.38 20.28 5.40
N CYS C 45 -1.16 19.19 4.68
CA CYS C 45 0.15 18.55 4.57
C CYS C 45 0.48 18.45 3.09
N ALA C 46 1.47 19.21 2.65
CA ALA C 46 1.83 19.30 1.25
C ALA C 46 3.00 18.37 0.95
N ALA C 47 2.89 17.66 -0.17
CA ALA C 47 3.92 16.74 -0.62
C ALA C 47 4.80 17.41 -1.68
N SER C 48 6.09 17.14 -1.61
CA SER C 48 7.04 17.60 -2.61
C SER C 48 7.94 16.45 -3.01
N GLY C 49 8.50 16.55 -4.21
CA GLY C 49 9.19 15.43 -4.81
C GLY C 49 8.24 14.60 -5.65
N GLN C 50 7.33 13.87 -4.99
CA GLN C 50 6.30 13.11 -5.68
C GLN C 50 4.99 13.28 -4.92
N THR C 51 3.91 12.79 -5.51
CA THR C 51 2.59 12.95 -4.93
C THR C 51 2.37 11.93 -3.82
N PHE C 52 1.21 12.00 -3.17
CA PHE C 52 0.88 11.07 -2.10
C PHE C 52 0.38 9.73 -2.59
N SER C 53 0.14 9.58 -3.89
CA SER C 53 -0.31 8.31 -4.42
C SER C 53 0.68 7.21 -4.10
N GLY C 54 0.18 6.10 -3.56
CA GLY C 54 1.05 5.01 -3.17
C GLY C 54 1.62 5.13 -1.78
N TYR C 55 1.20 6.14 -1.02
CA TYR C 55 1.64 6.36 0.35
C TYR C 55 0.44 6.38 1.29
N VAL C 56 0.61 5.81 2.47
CA VAL C 56 -0.24 6.12 3.61
C VAL C 56 0.22 7.45 4.17
N THR C 57 -0.72 8.36 4.41
CA THR C 57 -0.38 9.61 5.08
C THR C 57 -1.20 9.74 6.35
N GLY C 58 -0.51 9.92 7.47
CA GLY C 58 -1.15 9.99 8.77
C GLY C 58 -0.84 11.29 9.47
N TRP C 59 -1.76 11.71 10.33
CA TRP C 59 -1.55 12.84 11.22
C TRP C 59 -1.29 12.32 12.62
N PHE C 60 -0.25 12.86 13.26
CA PHE C 60 0.08 12.55 14.63
C PHE C 60 0.19 13.87 15.39
N ARG C 61 0.02 13.82 16.71
CA ARG C 61 0.21 15.02 17.51
C ARG C 61 1.05 14.70 18.73
N GLN C 62 1.81 15.70 19.19
CA GLN C 62 2.67 15.57 20.35
C GLN C 62 2.56 16.81 21.21
N ALA C 63 2.06 16.65 22.41
CA ALA C 63 2.08 17.68 23.43
C ALA C 63 3.41 17.64 24.18
N PRO C 64 3.84 18.75 24.79
CA PRO C 64 5.10 18.74 25.53
C PRO C 64 5.07 17.72 26.65
N GLY C 65 6.14 16.93 26.74
CA GLY C 65 6.26 15.91 27.75
C GLY C 65 5.43 14.66 27.53
N LYS C 66 4.78 14.53 26.38
CA LYS C 66 3.91 13.40 26.12
C LYS C 66 4.38 12.71 24.85
N GLU C 67 3.98 11.45 24.67
CA GLU C 67 4.39 10.70 23.50
C GLU C 67 3.57 11.12 22.28
N ARG C 68 4.18 10.99 21.10
CA ARG C 68 3.46 11.23 19.86
C ARG C 68 2.32 10.24 19.74
N GLU C 69 1.14 10.72 19.34
CA GLU C 69 -0.04 9.86 19.31
C GLU C 69 -0.77 9.99 17.98
N PHE C 70 -1.37 8.88 17.56
CA PHE C 70 -2.08 8.82 16.30
C PHE C 70 -3.33 9.68 16.33
N VAL C 71 -3.57 10.40 15.25
CA VAL C 71 -4.78 11.21 15.07
C VAL C 71 -5.67 10.63 13.98
N ALA C 72 -5.16 10.58 12.75
CA ALA C 72 -5.95 10.09 11.62
C ALA C 72 -4.99 9.66 10.52
N LEU C 73 -5.49 8.82 9.61
CA LEU C 73 -4.71 8.52 8.41
C LEU C 73 -5.64 8.34 7.23
N ILE C 74 -5.07 8.50 6.04
CA ILE C 74 -5.77 8.20 4.81
C ILE C 74 -4.85 7.33 3.95
N ALA C 75 -5.40 6.26 3.39
CA ALA C 75 -4.63 5.30 2.62
C ALA C 75 -5.45 4.88 1.40
N TRP C 76 -4.79 4.18 0.49
CA TRP C 76 -5.44 3.68 -0.71
C TRP C 76 -6.11 4.79 -1.51
N SER C 77 -5.48 5.97 -1.52
CA SER C 77 -6.01 7.16 -2.22
C SER C 77 -7.41 7.51 -1.73
N GLY C 78 -7.69 7.29 -0.45
CA GLY C 78 -9.00 7.55 0.11
C GLY C 78 -9.86 6.32 0.31
N GLY C 79 -9.38 5.13 -0.07
CA GLY C 79 -10.15 3.92 0.17
C GLY C 79 -10.21 3.51 1.63
N ARG C 80 -9.31 4.02 2.46
CA ARG C 80 -9.25 3.67 3.88
C ARG C 80 -9.01 4.95 4.66
N LEU C 81 -9.90 5.23 5.61
CA LEU C 81 -9.80 6.40 6.48
C LEU C 81 -9.87 5.91 7.93
N TYR C 82 -8.85 6.23 8.72
CA TYR C 82 -8.82 5.85 10.13
C TYR C 82 -8.83 7.11 10.99
N TYR C 83 -9.52 7.02 12.13
CA TYR C 83 -9.57 8.10 13.10
C TYR C 83 -9.31 7.55 14.49
N ALA C 84 -8.49 8.27 15.25
CA ALA C 84 -8.38 7.98 16.67
C ALA C 84 -9.72 8.15 17.35
N ASP C 85 -9.97 7.33 18.36
CA ASP C 85 -11.25 7.37 19.06
C ASP C 85 -11.55 8.75 19.64
N SER C 86 -10.50 9.49 20.05
CA SER C 86 -10.69 10.78 20.70
C SER C 86 -11.08 11.90 19.74
N VAL C 87 -10.89 11.72 18.44
CA VAL C 87 -11.19 12.76 17.46
C VAL C 87 -12.29 12.36 16.48
N GLN C 88 -12.77 11.12 16.52
CA GLN C 88 -13.82 10.68 15.61
C GLN C 88 -15.02 11.62 15.71
N GLY C 89 -15.59 11.97 14.54
CA GLY C 89 -16.72 12.84 14.47
C GLY C 89 -16.40 14.32 14.53
N ARG C 90 -15.25 14.69 15.10
CA ARG C 90 -14.80 16.07 15.12
C ARG C 90 -13.80 16.39 14.03
N PHE C 91 -12.94 15.43 13.67
CA PHE C 91 -11.89 15.63 12.69
C PHE C 91 -12.25 14.90 11.40
N THR C 92 -11.84 15.47 10.27
CA THR C 92 -12.08 14.88 8.94
C THR C 92 -10.80 14.97 8.14
N ILE C 93 -10.29 13.82 7.71
CA ILE C 93 -9.11 13.76 6.86
C ILE C 93 -9.54 13.57 5.41
N SER C 94 -8.77 14.14 4.49
CA SER C 94 -9.10 14.05 3.07
C SER C 94 -7.87 14.41 2.25
N ARG C 95 -8.00 14.22 0.93
CA ARG C 95 -6.97 14.58 -0.03
C ARG C 95 -7.59 15.46 -1.12
N ASP C 96 -6.74 16.17 -1.86
CA ASP C 96 -7.23 16.82 -3.06
C ASP C 96 -7.19 15.84 -4.23
N ASN C 97 -7.71 16.28 -5.37
CA ASN C 97 -7.79 15.39 -6.53
C ASN C 97 -6.40 15.00 -7.03
N ALA C 98 -5.46 15.94 -7.00
CA ALA C 98 -4.11 15.67 -7.48
C ALA C 98 -3.30 14.81 -6.51
N GLU C 99 -3.83 14.51 -5.33
CA GLU C 99 -3.11 13.78 -4.29
C GLU C 99 -1.80 14.46 -3.91
N THR C 100 -1.77 15.78 -4.00
CA THR C 100 -0.61 16.56 -3.58
C THR C 100 -0.79 17.21 -2.20
N THR C 101 -1.99 17.16 -1.63
CA THR C 101 -2.24 17.73 -0.32
C THR C 101 -3.18 16.81 0.46
N VAL C 102 -2.87 16.61 1.74
CA VAL C 102 -3.75 15.93 2.67
C VAL C 102 -4.21 16.96 3.70
N TYR C 103 -5.52 16.98 3.97
CA TYR C 103 -6.13 17.95 4.87
C TYR C 103 -6.65 17.28 6.13
N LEU C 104 -6.57 18.01 7.24
CA LEU C 104 -7.20 17.60 8.49
C LEU C 104 -8.09 18.75 8.97
N GLN C 105 -9.40 18.64 8.71
CA GLN C 105 -10.36 19.58 9.26
C GLN C 105 -10.61 19.22 10.72
N MET C 106 -10.51 20.20 11.61
CA MET C 106 -10.65 19.95 13.04
C MET C 106 -11.75 20.85 13.58
N ASN C 107 -12.87 20.26 13.99
CA ASN C 107 -14.00 21.00 14.54
C ASN C 107 -14.10 20.76 16.04
N SER C 108 -14.84 21.65 16.71
CA SER C 108 -15.16 21.53 18.13
C SER C 108 -13.90 21.30 18.95
N LEU C 109 -12.91 22.17 18.73
CA LEU C 109 -11.61 21.97 19.35
C LEU C 109 -11.70 22.16 20.85
N LYS C 110 -10.91 21.37 21.57
CA LYS C 110 -10.83 21.39 23.02
C LYS C 110 -9.40 21.66 23.48
N PRO C 111 -9.19 22.17 24.70
CA PRO C 111 -7.81 22.35 25.18
C PRO C 111 -6.99 21.08 25.10
N GLU C 112 -7.60 19.92 25.32
CA GLU C 112 -6.91 18.64 25.19
C GLU C 112 -6.28 18.44 23.81
N ASP C 113 -6.76 19.15 22.78
CA ASP C 113 -6.21 19.01 21.44
C ASP C 113 -4.93 19.82 21.21
N THR C 114 -4.49 20.60 22.20
CA THR C 114 -3.28 21.40 22.07
C THR C 114 -2.07 20.49 21.91
N ALA C 115 -1.31 20.69 20.84
CA ALA C 115 -0.14 19.88 20.53
C ALA C 115 0.47 20.41 19.23
N VAL C 116 1.71 19.99 18.98
CA VAL C 116 2.27 20.11 17.63
C VAL C 116 1.74 18.95 16.81
N TYR C 117 1.17 19.26 15.65
CA TYR C 117 0.61 18.26 14.76
C TYR C 117 1.57 17.99 13.61
N TYR C 118 1.84 16.71 13.37
CA TYR C 118 2.78 16.26 12.35
C TYR C 118 2.03 15.43 11.32
N CYS C 119 2.38 15.61 10.06
CA CYS C 119 1.98 14.64 9.06
C CYS C 119 3.16 13.75 8.71
N ALA C 120 2.86 12.50 8.40
CA ALA C 120 3.86 11.47 8.16
C ALA C 120 3.40 10.60 7.00
N ALA C 121 4.36 9.96 6.35
CA ALA C 121 4.04 9.14 5.19
C ALA C 121 4.85 7.86 5.23
N LYS C 122 4.26 6.80 4.67
CA LYS C 122 4.92 5.50 4.59
C LYS C 122 4.35 4.72 3.42
N ARG C 123 5.17 3.83 2.89
CA ARG C 123 4.68 2.80 1.99
C ARG C 123 4.01 1.70 2.82
N GLY C 124 3.18 0.90 2.17
CA GLY C 124 2.64 -0.29 2.82
C GLY C 124 1.42 -0.08 3.70
N GLY C 125 1.38 -0.80 4.81
CA GLY C 125 0.13 -0.91 5.56
C GLY C 125 -0.24 0.34 6.32
N ALA C 126 -1.55 0.53 6.49
CA ALA C 126 -2.11 1.64 7.27
C ALA C 126 -2.05 1.26 8.74
N VAL C 127 -0.98 1.68 9.41
CA VAL C 127 -0.76 1.38 10.81
C VAL C 127 -0.77 2.68 11.60
N THR C 128 -1.02 2.56 12.90
CA THR C 128 -1.20 3.71 13.77
C THR C 128 0.02 4.00 14.64
N ALA C 129 1.08 3.18 14.57
CA ALA C 129 2.27 3.38 15.38
C ALA C 129 3.24 4.28 14.63
N ALA C 130 3.63 5.39 15.25
CA ALA C 130 4.47 6.38 14.59
C ALA C 130 5.82 5.80 14.15
N GLU C 131 6.34 4.81 14.86
CA GLU C 131 7.70 4.36 14.56
C GLU C 131 7.83 3.68 13.20
N TRP C 132 6.74 3.36 12.51
CA TRP C 132 6.83 2.76 11.18
C TRP C 132 6.70 3.77 10.04
N TYR C 133 6.59 5.06 10.32
CA TYR C 133 6.46 6.05 9.26
C TYR C 133 7.84 6.55 8.85
N ASP C 134 8.10 6.51 7.54
CA ASP C 134 9.43 6.86 7.03
C ASP C 134 9.64 8.37 6.97
N TYR C 135 8.63 9.13 6.59
CA TYR C 135 8.81 10.56 6.34
C TYR C 135 7.96 11.37 7.29
N TRP C 136 8.51 12.51 7.73
CA TRP C 136 7.86 13.36 8.70
C TRP C 136 8.01 14.81 8.31
N GLY C 137 6.95 15.60 8.47
CA GLY C 137 7.04 17.03 8.37
C GLY C 137 7.65 17.62 9.63
N GLN C 138 7.89 18.93 9.59
CA GLN C 138 8.44 19.62 10.75
C GLN C 138 7.39 19.91 11.82
N GLY C 139 6.12 19.85 11.47
CA GLY C 139 5.06 20.02 12.44
C GLY C 139 4.47 21.42 12.41
N THR C 140 3.19 21.51 12.78
CA THR C 140 2.52 22.79 12.92
C THR C 140 1.85 22.84 14.28
N GLN C 141 2.00 23.97 14.97
CA GLN C 141 1.52 24.10 16.34
C GLN C 141 0.03 24.40 16.37
N VAL C 142 -0.69 23.71 17.24
CA VAL C 142 -2.11 23.96 17.48
C VAL C 142 -2.29 24.20 18.98
N THR C 143 -2.79 25.36 19.35
CA THR C 143 -3.05 25.72 20.75
C THR C 143 -4.51 26.10 20.89
N VAL C 144 -5.24 25.39 21.74
CA VAL C 144 -6.65 25.66 21.98
C VAL C 144 -6.80 26.22 23.39
N SER C 145 -7.27 27.44 23.48
CA SER C 145 -7.44 28.13 24.76
C SER C 145 -8.89 28.11 25.20
N SER C 146 -9.10 28.27 26.51
CA SER C 146 -10.45 28.32 27.07
C SER C 146 -10.65 29.56 27.93
N GLN D 24 28.02 -20.26 11.26
CA GLN D 24 29.31 -19.60 11.45
C GLN D 24 29.58 -18.61 10.31
N VAL D 25 28.53 -17.98 9.78
CA VAL D 25 28.72 -17.10 8.63
C VAL D 25 29.55 -15.89 9.04
N GLN D 26 30.58 -15.59 8.26
CA GLN D 26 31.47 -14.45 8.48
C GLN D 26 31.37 -13.53 7.28
N LEU D 27 30.98 -12.28 7.52
CA LEU D 27 30.68 -11.34 6.45
C LEU D 27 31.81 -10.32 6.33
N GLN D 28 32.17 -9.97 5.11
CA GLN D 28 33.10 -8.88 4.86
C GLN D 28 32.61 -8.03 3.72
N GLU D 29 32.42 -6.74 3.96
CA GLU D 29 32.00 -5.79 2.94
C GLU D 29 33.22 -5.24 2.20
N SER D 30 33.00 -4.85 0.96
CA SER D 30 34.00 -4.09 0.21
C SER D 30 33.30 -3.30 -0.88
N GLY D 31 34.06 -2.48 -1.58
CA GLY D 31 33.50 -1.67 -2.65
C GLY D 31 33.13 -0.25 -2.26
N GLY D 32 33.28 0.11 -0.99
CA GLY D 32 33.02 1.47 -0.58
C GLY D 32 33.98 2.45 -1.21
N GLY D 33 33.68 3.73 -1.03
CA GLY D 33 34.54 4.77 -1.54
C GLY D 33 33.88 6.12 -1.51
N LEU D 34 34.45 7.05 -2.26
CA LEU D 34 34.03 8.44 -2.25
C LEU D 34 33.72 8.87 -3.68
N VAL D 35 32.53 9.40 -3.90
CA VAL D 35 32.07 9.79 -5.22
C VAL D 35 31.25 11.06 -5.10
N GLN D 36 31.21 11.84 -6.18
CA GLN D 36 30.34 13.01 -6.20
C GLN D 36 28.89 12.59 -6.42
N ALA D 37 27.97 13.45 -5.96
CA ALA D 37 26.55 13.17 -6.07
C ALA D 37 26.17 12.87 -7.52
N GLY D 38 25.21 11.96 -7.69
CA GLY D 38 24.79 11.51 -8.99
C GLY D 38 25.55 10.30 -9.51
N GLY D 39 26.66 9.93 -8.88
CA GLY D 39 27.46 8.82 -9.33
C GLY D 39 26.93 7.49 -8.83
N SER D 40 27.69 6.44 -9.14
CA SER D 40 27.33 5.07 -8.81
C SER D 40 28.44 4.38 -8.04
N LEU D 41 28.05 3.36 -7.28
CA LEU D 41 28.97 2.46 -6.60
C LEU D 41 28.38 1.06 -6.68
N ARG D 42 29.18 0.06 -6.31
CA ARG D 42 28.65 -1.29 -6.09
C ARG D 42 29.36 -1.88 -4.88
N LEU D 43 28.59 -2.17 -3.84
CA LEU D 43 29.15 -2.82 -2.66
C LEU D 43 29.05 -4.33 -2.81
N SER D 44 29.95 -5.03 -2.14
CA SER D 44 29.99 -6.48 -2.14
C SER D 44 30.08 -6.98 -0.70
N CYS D 45 29.37 -8.06 -0.42
CA CYS D 45 29.39 -8.70 0.89
C CYS D 45 29.71 -10.17 0.68
N ALA D 46 30.91 -10.57 1.08
CA ALA D 46 31.38 -11.94 0.88
C ALA D 46 31.18 -12.76 2.14
N ALA D 47 30.73 -14.00 1.96
CA ALA D 47 30.54 -14.92 3.08
C ALA D 47 31.72 -15.89 3.15
N SER D 48 32.21 -16.11 4.37
CA SER D 48 33.12 -17.19 4.69
C SER D 48 32.52 -18.03 5.82
N GLY D 49 33.04 -19.24 5.98
CA GLY D 49 32.49 -20.18 6.93
C GLY D 49 31.31 -20.95 6.37
N GLN D 50 30.22 -20.24 6.09
CA GLN D 50 29.04 -20.80 5.44
C GLN D 50 28.75 -20.00 4.17
N THR D 51 27.76 -20.47 3.41
CA THR D 51 27.18 -19.66 2.36
C THR D 51 26.03 -18.85 2.93
N PHE D 52 25.38 -18.07 2.08
CA PHE D 52 24.19 -17.33 2.48
C PHE D 52 22.92 -18.18 2.41
N SER D 53 23.04 -19.47 2.10
CA SER D 53 21.90 -20.28 1.66
C SER D 53 20.70 -20.17 2.60
N GLY D 54 20.93 -20.34 3.89
CA GLY D 54 19.81 -20.36 4.82
C GLY D 54 19.58 -19.05 5.56
N TYR D 55 20.09 -17.94 5.03
CA TYR D 55 20.02 -16.65 5.69
C TYR D 55 19.26 -15.63 4.87
N VAL D 56 18.63 -14.70 5.57
CA VAL D 56 18.25 -13.41 5.01
C VAL D 56 19.47 -12.50 5.11
N THR D 57 19.90 -11.94 3.97
CA THR D 57 21.05 -11.04 3.92
C THR D 57 20.53 -9.63 3.69
N GLY D 58 20.85 -8.74 4.62
CA GLY D 58 20.40 -7.37 4.55
C GLY D 58 21.59 -6.44 4.49
N TRP D 59 21.39 -5.30 3.83
CA TRP D 59 22.30 -4.18 3.89
C TRP D 59 21.70 -3.15 4.83
N PHE D 60 22.52 -2.64 5.74
CA PHE D 60 22.14 -1.56 6.65
C PHE D 60 23.18 -0.46 6.52
N ARG D 61 22.80 0.75 6.92
CA ARG D 61 23.75 1.86 6.88
C ARG D 61 23.58 2.72 8.14
N GLN D 62 24.68 3.35 8.55
CA GLN D 62 24.68 4.16 9.76
C GLN D 62 25.54 5.39 9.51
N ALA D 63 24.92 6.57 9.47
CA ALA D 63 25.66 7.81 9.55
C ALA D 63 26.13 8.03 10.98
N PRO D 64 27.24 8.74 11.18
CA PRO D 64 27.72 9.00 12.54
C PRO D 64 26.65 9.62 13.42
N GLY D 65 26.53 9.12 14.65
CA GLY D 65 25.59 9.64 15.60
C GLY D 65 24.14 9.24 15.40
N LYS D 66 23.78 8.72 14.22
CA LYS D 66 22.44 8.21 13.95
C LYS D 66 22.47 6.70 13.99
N GLU D 67 21.30 6.07 13.90
CA GLU D 67 21.25 4.64 14.18
C GLU D 67 21.13 3.87 12.87
N ARG D 68 21.54 2.60 12.91
CA ARG D 68 21.52 1.72 11.74
C ARG D 68 20.13 1.67 11.13
N GLU D 69 20.04 2.05 9.87
CA GLU D 69 18.77 2.04 9.17
C GLU D 69 18.80 0.99 8.06
N PHE D 70 17.65 0.37 7.83
CA PHE D 70 17.53 -0.67 6.82
C PHE D 70 17.68 -0.09 5.42
N VAL D 71 18.41 -0.81 4.57
CA VAL D 71 18.59 -0.43 3.16
C VAL D 71 17.93 -1.44 2.23
N ALA D 72 18.34 -2.70 2.29
CA ALA D 72 17.79 -3.72 1.39
C ALA D 72 18.06 -5.09 1.98
N LEU D 73 17.26 -6.07 1.55
CA LEU D 73 17.56 -7.46 1.89
C LEU D 73 17.18 -8.37 0.74
N ILE D 74 17.76 -9.56 0.77
CA ILE D 74 17.43 -10.62 -0.15
C ILE D 74 17.22 -11.89 0.66
N ALA D 75 16.06 -12.52 0.48
CA ALA D 75 15.68 -13.70 1.24
C ALA D 75 15.18 -14.76 0.28
N TRP D 76 15.11 -16.00 0.78
CA TRP D 76 14.66 -17.15 -0.01
C TRP D 76 15.47 -17.28 -1.30
N SER D 77 16.76 -17.02 -1.18
CA SER D 77 17.67 -17.07 -2.35
C SER D 77 17.11 -16.28 -3.54
N GLY D 78 16.70 -15.03 -3.34
CA GLY D 78 16.22 -14.20 -4.46
C GLY D 78 14.72 -14.27 -4.69
N GLY D 79 14.00 -14.94 -3.81
CA GLY D 79 12.54 -15.05 -3.95
C GLY D 79 11.87 -13.88 -3.27
N ARG D 80 12.62 -13.17 -2.42
CA ARG D 80 12.09 -12.00 -1.75
C ARG D 80 13.16 -10.93 -1.74
N LEU D 81 12.86 -9.77 -2.31
CA LEU D 81 13.76 -8.62 -2.34
C LEU D 81 13.04 -7.43 -1.71
N TYR D 82 13.64 -6.82 -0.69
CA TYR D 82 13.03 -5.67 -0.04
C TYR D 82 13.94 -4.46 -0.22
N TYR D 83 13.34 -3.28 -0.38
CA TYR D 83 14.08 -2.03 -0.42
C TYR D 83 13.43 -0.98 0.46
N ALA D 84 14.25 -0.26 1.24
CA ALA D 84 13.79 0.95 1.88
C ALA D 84 13.30 1.95 0.83
N ASP D 85 12.24 2.68 1.16
CA ASP D 85 11.62 3.57 0.18
C ASP D 85 12.58 4.64 -0.33
N SER D 86 13.48 5.13 0.53
CA SER D 86 14.40 6.19 0.16
C SER D 86 15.43 5.71 -0.82
N VAL D 87 15.48 4.39 -1.04
CA VAL D 87 16.45 3.85 -2.03
C VAL D 87 15.83 3.05 -3.20
N GLN D 88 14.57 2.87 -3.22
CA GLN D 88 14.13 1.99 -4.32
C GLN D 88 14.23 2.76 -5.61
N GLY D 89 14.44 2.04 -6.72
CA GLY D 89 14.73 2.63 -7.99
C GLY D 89 16.16 3.04 -8.14
N ARG D 90 16.88 3.28 -7.03
CA ARG D 90 18.28 3.66 -7.15
C ARG D 90 19.25 2.54 -6.79
N PHE D 91 18.89 1.70 -5.82
CA PHE D 91 19.75 0.60 -5.40
C PHE D 91 19.13 -0.73 -5.84
N THR D 92 20.01 -1.70 -6.11
CA THR D 92 19.61 -3.05 -6.50
C THR D 92 20.43 -4.06 -5.70
N ILE D 93 19.75 -5.01 -5.07
CA ILE D 93 20.42 -6.07 -4.33
C ILE D 93 20.34 -7.35 -5.16
N SER D 94 21.39 -8.17 -5.07
CA SER D 94 21.44 -9.42 -5.82
C SER D 94 22.44 -10.36 -5.15
N ARG D 95 22.46 -11.59 -5.65
CA ARG D 95 23.44 -12.57 -5.14
C ARG D 95 24.08 -13.28 -6.33
N ASP D 96 25.30 -13.79 -6.15
CA ASP D 96 25.88 -14.58 -7.21
C ASP D 96 25.25 -15.98 -7.23
N ASN D 97 25.58 -16.75 -8.26
CA ASN D 97 24.99 -18.08 -8.39
C ASN D 97 25.35 -18.97 -7.20
N ALA D 98 26.58 -18.85 -6.69
CA ALA D 98 27.04 -19.70 -5.60
C ALA D 98 26.54 -19.26 -4.23
N GLU D 99 25.81 -18.15 -4.13
CA GLU D 99 25.34 -17.61 -2.86
C GLU D 99 26.50 -17.38 -1.89
N THR D 100 27.66 -17.01 -2.43
CA THR D 100 28.82 -16.62 -1.65
C THR D 100 29.01 -15.11 -1.58
N THR D 101 28.19 -14.36 -2.31
CA THR D 101 28.34 -12.91 -2.37
C THR D 101 26.97 -12.27 -2.54
N VAL D 102 26.71 -11.21 -1.79
CA VAL D 102 25.52 -10.38 -1.98
C VAL D 102 26.00 -8.99 -2.41
N TYR D 103 25.32 -8.41 -3.39
CA TYR D 103 25.73 -7.13 -3.96
C TYR D 103 24.69 -6.05 -3.70
N LEU D 104 25.18 -4.81 -3.64
CA LEU D 104 24.34 -3.64 -3.57
C LEU D 104 24.85 -2.67 -4.63
N GLN D 105 24.19 -2.64 -5.78
CA GLN D 105 24.46 -1.62 -6.78
C GLN D 105 23.74 -0.34 -6.37
N MET D 106 24.44 0.78 -6.51
CA MET D 106 23.93 2.05 -6.02
C MET D 106 24.09 3.07 -7.12
N ASN D 107 22.96 3.60 -7.60
CA ASN D 107 22.96 4.61 -8.64
C ASN D 107 22.39 5.91 -8.09
N SER D 108 22.67 7.00 -8.79
CA SER D 108 22.11 8.32 -8.49
C SER D 108 22.32 8.67 -7.02
N LEU D 109 23.57 8.53 -6.59
CA LEU D 109 23.90 8.69 -5.18
C LEU D 109 23.69 10.13 -4.71
N LYS D 110 23.31 10.27 -3.45
CA LYS D 110 23.00 11.53 -2.81
C LYS D 110 23.89 11.72 -1.57
N PRO D 111 24.15 12.97 -1.17
CA PRO D 111 24.92 13.18 0.07
C PRO D 111 24.31 12.48 1.27
N GLU D 112 22.98 12.39 1.32
CA GLU D 112 22.28 11.69 2.38
C GLU D 112 22.61 10.20 2.41
N ASP D 113 23.12 9.66 1.31
CA ASP D 113 23.53 8.26 1.28
C ASP D 113 24.87 8.03 1.96
N THR D 114 25.58 9.09 2.35
CA THR D 114 26.83 8.95 3.09
C THR D 114 26.60 8.24 4.41
N ALA D 115 27.34 7.15 4.63
CA ALA D 115 27.22 6.35 5.83
C ALA D 115 28.23 5.21 5.74
N VAL D 116 28.40 4.52 6.86
CA VAL D 116 29.03 3.20 6.83
C VAL D 116 27.96 2.18 6.49
N TYR D 117 28.23 1.37 5.47
CA TYR D 117 27.29 0.37 5.00
C TYR D 117 27.71 -0.99 5.53
N TYR D 118 26.77 -1.70 6.13
CA TYR D 118 27.00 -3.00 6.72
C TYR D 118 26.11 -4.02 6.04
N CYS D 119 26.65 -5.20 5.78
CA CYS D 119 25.79 -6.33 5.45
C CYS D 119 25.62 -7.19 6.69
N ALA D 120 24.39 -7.65 6.91
CA ALA D 120 24.02 -8.41 8.08
C ALA D 120 23.22 -9.63 7.64
N ALA D 121 23.25 -10.66 8.47
CA ALA D 121 22.56 -11.91 8.18
C ALA D 121 21.83 -12.41 9.42
N LYS D 122 20.72 -13.10 9.17
CA LYS D 122 19.91 -13.69 10.23
C LYS D 122 19.17 -14.88 9.67
N ARG D 123 18.80 -15.77 10.57
CA ARG D 123 17.89 -16.86 10.25
C ARG D 123 16.45 -16.40 10.39
N GLY D 124 15.52 -17.20 9.87
CA GLY D 124 14.12 -16.93 10.06
C GLY D 124 13.52 -15.94 9.09
N GLY D 125 12.60 -15.10 9.58
CA GLY D 125 11.82 -14.27 8.70
C GLY D 125 12.56 -13.04 8.21
N ALA D 126 12.14 -12.57 7.04
CA ALA D 126 12.66 -11.34 6.46
C ALA D 126 12.08 -10.17 7.24
N VAL D 127 12.93 -9.56 8.07
CA VAL D 127 12.53 -8.40 8.87
C VAL D 127 13.49 -7.26 8.55
N THR D 128 13.00 -6.02 8.73
CA THR D 128 13.77 -4.81 8.43
C THR D 128 14.43 -4.17 9.65
N ALA D 129 14.21 -4.69 10.86
CA ALA D 129 14.83 -4.15 12.08
C ALA D 129 16.20 -4.80 12.30
N ALA D 130 17.24 -3.97 12.37
CA ALA D 130 18.59 -4.47 12.63
C ALA D 130 18.67 -5.25 13.94
N GLU D 131 17.75 -4.97 14.87
CA GLU D 131 17.68 -5.62 16.17
C GLU D 131 17.85 -7.14 16.05
N TRP D 132 17.15 -7.72 15.09
CA TRP D 132 16.96 -9.16 14.95
C TRP D 132 18.04 -9.82 14.10
N TYR D 133 19.00 -9.06 13.61
CA TYR D 133 20.11 -9.63 12.84
C TYR D 133 21.27 -9.96 13.78
N ASP D 134 21.78 -11.18 13.66
CA ASP D 134 22.74 -11.70 14.62
C ASP D 134 24.18 -11.70 14.10
N TYR D 135 24.38 -11.52 12.79
CA TYR D 135 25.70 -11.66 12.18
C TYR D 135 26.00 -10.45 11.30
N TRP D 136 27.15 -9.82 11.53
CA TRP D 136 27.42 -8.52 10.92
C TRP D 136 28.86 -8.45 10.43
N GLY D 137 29.07 -7.75 9.30
CA GLY D 137 30.41 -7.40 8.88
C GLY D 137 30.90 -6.14 9.58
N GLN D 138 32.16 -5.79 9.30
CA GLN D 138 32.70 -4.56 9.87
C GLN D 138 32.29 -3.29 9.13
N GLY D 139 31.66 -3.42 7.98
CA GLY D 139 31.15 -2.26 7.28
C GLY D 139 32.17 -1.67 6.32
N THR D 140 31.64 -0.91 5.36
CA THR D 140 32.48 -0.20 4.40
C THR D 140 31.92 1.21 4.23
N GLN D 141 32.81 2.19 4.28
CA GLN D 141 32.42 3.59 4.26
C GLN D 141 32.08 4.04 2.85
N VAL D 142 30.97 4.76 2.73
CA VAL D 142 30.54 5.37 1.48
C VAL D 142 30.34 6.85 1.74
N THR D 143 31.02 7.70 0.96
CA THR D 143 30.92 9.14 1.10
C THR D 143 30.49 9.75 -0.22
N VAL D 144 29.36 10.44 -0.22
CA VAL D 144 28.85 11.13 -1.39
C VAL D 144 28.93 12.63 -1.10
N SER D 145 29.80 13.32 -1.83
CA SER D 145 30.03 14.74 -1.61
C SER D 145 29.21 15.57 -2.59
N SER D 146 28.95 16.82 -2.19
CA SER D 146 28.34 17.78 -3.11
C SER D 146 29.38 18.29 -4.09
#